data_6NYO
#
_entry.id   6NYO
#
_cell.length_a   44.585
_cell.length_b   55.737
_cell.length_c   119.785
_cell.angle_alpha   90.00
_cell.angle_beta   90.00
_cell.angle_gamma   90.00
#
_symmetry.space_group_name_H-M   'P 21 21 21'
#
loop_
_entity.id
_entity.type
_entity.pdbx_description
1 polymer 'Ubiquitin-conjugating enzyme E2 R2'
2 polymer Ubiquitin
3 non-polymer "4,5-dideoxy-5-(3',5'-dichlorobiphenyl-4-yl)-4-[(methoxyacetyl)amino]-L-arabinonic acid"
4 non-polymer 1,2-ETHANEDIOL
5 non-polymer 'PHOSPHATE ION'
6 water water
#
loop_
_entity_poly.entity_id
_entity_poly.type
_entity_poly.pdbx_seq_one_letter_code
_entity_poly.pdbx_strand_id
1 'polypeptide(L)'
;GAMAQQQMTSSQKALMLELKSLQEEPVEGFRITLVDESDLYNWEVAIFGPPNTLYEGGYFKAHIKFPIDYPYSPPTFRFL
TKMWHPNIYENGDVKISILHPPVDDPQSGELPSERWNPTQNVRTILLSVISLLNEPNTFSPANVDASVMFRKWRDSKGKD
KEYAEIIRKQVSATKAEAEKDGVKVPTTLAEYCIKTKVPSNDNS
;
A
2 'polypeptide(L)'
;MGSSHHHHHHSSGLVPRGSHMQIFVKTLTGKTITLEVESSDTIDNVKSKIQDKEGIPPDQQRLIFAGKQLEDGRTLSDYN
IQKESTLHLVLRLRGG
;
E
#
# COMPACT_ATOMS: atom_id res chain seq x y z
N GLN A 7 -5.25 -5.34 33.29
CA GLN A 7 -4.23 -4.33 33.52
C GLN A 7 -3.88 -3.61 32.23
N MET A 8 -3.95 -4.32 31.10
CA MET A 8 -3.84 -3.66 29.81
C MET A 8 -5.06 -2.79 29.57
N THR A 9 -4.83 -1.60 29.02
CA THR A 9 -5.93 -0.72 28.67
C THR A 9 -6.63 -1.22 27.40
N SER A 10 -7.77 -0.60 27.09
CA SER A 10 -8.48 -0.96 25.86
C SER A 10 -7.62 -0.76 24.63
N SER A 11 -6.89 0.37 24.55
CA SER A 11 -6.04 0.57 23.37
C SER A 11 -4.87 -0.40 23.35
N GLN A 12 -4.30 -0.74 24.51
CA GLN A 12 -3.24 -1.75 24.52
C GLN A 12 -3.76 -3.10 24.01
N LYS A 13 -4.96 -3.49 24.43
CA LYS A 13 -5.53 -4.75 23.96
C LYS A 13 -5.77 -4.73 22.47
N ALA A 14 -6.29 -3.62 21.94
CA ALA A 14 -6.51 -3.52 20.50
C ALA A 14 -5.20 -3.63 19.73
N LEU A 15 -4.15 -2.96 20.23
CA LEU A 15 -2.85 -2.98 19.56
C LEU A 15 -2.22 -4.36 19.63
N MET A 16 -2.36 -5.06 20.77
CA MET A 16 -1.83 -6.41 20.86
C MET A 16 -2.46 -7.33 19.83
N LEU A 17 -3.79 -7.24 19.66
CA LEU A 17 -4.46 -8.07 18.67
C LEU A 17 -3.96 -7.78 17.26
N GLU A 18 -3.84 -6.51 16.91
CA GLU A 18 -3.40 -6.18 15.55
C GLU A 18 -1.94 -6.58 15.33
N LEU A 19 -1.09 -6.40 16.33
CA LEU A 19 0.31 -6.77 16.22
C LEU A 19 0.45 -8.28 16.00
N LYS A 20 -0.26 -9.07 16.82
CA LYS A 20 -0.23 -10.52 16.67
C LYS A 20 -0.67 -10.94 15.27
N SER A 21 -1.73 -10.34 14.75
CA SER A 21 -2.22 -10.69 13.41
C SER A 21 -1.18 -10.35 12.34
N LEU A 22 -0.56 -9.18 12.43
CA LEU A 22 0.40 -8.78 11.39
C LEU A 22 1.76 -9.43 11.53
N GLN A 23 2.09 -10.00 12.69
CA GLN A 23 3.32 -10.76 12.80
C GLN A 23 3.13 -12.21 12.41
N GLU A 24 1.94 -12.78 12.63
CA GLU A 24 1.70 -14.18 12.29
C GLU A 24 1.16 -14.35 10.88
N GLU A 25 0.41 -13.36 10.37
CA GLU A 25 -0.08 -13.35 8.99
C GLU A 25 0.31 -12.02 8.36
N PRO A 26 1.60 -11.85 8.03
CA PRO A 26 2.06 -10.53 7.58
C PRO A 26 1.54 -10.14 6.20
N VAL A 27 1.48 -8.83 5.98
CA VAL A 27 1.35 -8.30 4.63
C VAL A 27 2.69 -8.52 3.92
N GLU A 28 2.65 -9.20 2.77
CA GLU A 28 3.87 -9.48 2.03
C GLU A 28 4.69 -8.21 1.82
N GLY A 29 6.00 -8.31 2.05
CA GLY A 29 6.87 -7.17 1.88
C GLY A 29 6.87 -6.17 3.03
N PHE A 30 6.11 -6.42 4.10
CA PHE A 30 6.08 -5.54 5.25
C PHE A 30 6.39 -6.35 6.50
N ARG A 31 7.38 -5.91 7.29
CA ARG A 31 7.73 -6.59 8.52
C ARG A 31 7.53 -5.63 9.69
N ILE A 32 6.74 -6.05 10.68
CA ILE A 32 6.27 -5.18 11.76
C ILE A 32 6.91 -5.61 13.06
N THR A 33 7.49 -4.67 13.80
CA THR A 33 8.03 -4.92 15.13
C THR A 33 7.78 -3.70 16.01
N LEU A 34 7.87 -3.88 17.32
CA LEU A 34 7.82 -2.76 18.25
C LEU A 34 9.18 -2.08 18.30
N VAL A 35 9.17 -0.74 18.26
CA VAL A 35 10.43 -0.01 18.41
C VAL A 35 11.04 -0.30 19.78
N ASP A 36 10.23 -0.16 20.84
CA ASP A 36 10.62 -0.49 22.20
C ASP A 36 9.74 -1.64 22.68
N GLU A 37 10.38 -2.65 23.23
CA GLU A 37 9.72 -3.89 23.61
C GLU A 37 8.50 -3.71 24.51
N SER A 38 8.48 -2.67 25.34
CA SER A 38 7.42 -2.48 26.32
C SER A 38 6.38 -1.45 25.89
N ASP A 39 6.49 -0.93 24.68
CA ASP A 39 5.67 0.21 24.23
C ASP A 39 4.88 -0.20 22.99
N LEU A 40 3.60 -0.51 23.18
CA LEU A 40 2.74 -0.94 22.10
C LEU A 40 2.37 0.18 21.14
N TYR A 41 2.72 1.43 21.45
CA TYR A 41 2.20 2.57 20.70
C TYR A 41 3.15 3.09 19.63
N ASN A 42 4.27 2.41 19.37
CA ASN A 42 5.22 2.88 18.37
C ASN A 42 5.77 1.66 17.64
N TRP A 43 5.38 1.47 16.37
CA TRP A 43 5.79 0.32 15.60
C TRP A 43 6.77 0.71 14.51
N GLU A 44 7.76 -0.15 14.28
CA GLU A 44 8.64 -0.01 13.13
C GLU A 44 8.10 -0.89 12.01
N VAL A 45 8.07 -0.34 10.80
CA VAL A 45 7.59 -1.05 9.61
C VAL A 45 8.74 -1.07 8.61
N ALA A 46 9.25 -2.26 8.30
CA ALA A 46 10.29 -2.42 7.30
C ALA A 46 9.63 -2.86 6.00
N ILE A 47 9.92 -2.14 4.91
CA ILE A 47 9.17 -2.24 3.66
C ILE A 47 10.13 -2.56 2.53
N PHE A 48 9.90 -3.67 1.84
CA PHE A 48 10.68 -4.02 0.65
C PHE A 48 10.10 -3.37 -0.60
N GLY A 49 10.97 -2.81 -1.44
CA GLY A 49 10.54 -2.43 -2.76
C GLY A 49 10.18 -3.69 -3.53
N PRO A 50 9.06 -3.67 -4.26
CA PRO A 50 8.61 -4.91 -4.92
C PRO A 50 9.44 -5.21 -6.16
N PRO A 51 9.60 -6.49 -6.47
CA PRO A 51 10.29 -6.84 -7.73
C PRO A 51 9.53 -6.32 -8.93
N ASN A 52 10.27 -6.11 -10.02
CA ASN A 52 9.72 -5.60 -11.28
C ASN A 52 9.15 -4.19 -11.12
N THR A 53 9.76 -3.41 -10.22
CA THR A 53 9.52 -1.98 -10.09
C THR A 53 10.87 -1.29 -9.95
N LEU A 54 10.88 0.04 -10.11
CA LEU A 54 12.14 0.76 -9.90
C LEU A 54 12.59 0.75 -8.45
N TYR A 55 11.72 0.35 -7.52
CA TYR A 55 12.05 0.25 -6.10
C TYR A 55 12.65 -1.09 -5.73
N GLU A 56 12.78 -2.01 -6.71
CA GLU A 56 13.30 -3.34 -6.43
C GLU A 56 14.66 -3.25 -5.75
N GLY A 57 14.83 -4.02 -4.68
CA GLY A 57 16.05 -4.01 -3.91
C GLY A 57 16.07 -3.00 -2.78
N GLY A 58 15.06 -2.14 -2.69
CA GLY A 58 15.04 -1.15 -1.63
C GLY A 58 14.51 -1.71 -0.32
N TYR A 59 15.04 -1.14 0.77
CA TYR A 59 14.72 -1.51 2.14
C TYR A 59 14.38 -0.23 2.90
N PHE A 60 13.10 0.07 3.02
CA PHE A 60 12.64 1.34 3.56
C PHE A 60 12.01 1.13 4.93
N LYS A 61 12.09 2.15 5.78
CA LYS A 61 11.54 2.02 7.13
C LYS A 61 10.62 3.20 7.46
N ALA A 62 9.51 2.88 8.10
CA ALA A 62 8.56 3.87 8.58
C ALA A 62 8.23 3.53 10.03
N HIS A 63 7.67 4.52 10.74
CA HIS A 63 7.16 4.32 12.09
C HIS A 63 5.67 4.62 12.10
N ILE A 64 4.92 3.80 12.81
CA ILE A 64 3.51 4.05 13.07
C ILE A 64 3.38 4.37 14.54
N LYS A 65 2.86 5.56 14.84
CA LYS A 65 2.68 6.01 16.21
C LYS A 65 1.20 6.09 16.50
N PHE A 66 0.77 5.46 17.60
CA PHE A 66 -0.64 5.32 17.92
C PHE A 66 -1.03 6.19 19.10
N PRO A 67 -2.22 6.77 19.08
CA PRO A 67 -2.68 7.58 20.21
C PRO A 67 -3.24 6.73 21.35
N ILE A 68 -3.39 7.40 22.51
CA ILE A 68 -3.85 6.74 23.73
C ILE A 68 -5.22 6.08 23.55
N ASP A 69 -6.02 6.56 22.60
CA ASP A 69 -7.38 6.09 22.43
C ASP A 69 -7.58 5.26 21.17
N TYR A 70 -6.50 4.73 20.61
CA TYR A 70 -6.61 3.86 19.44
C TYR A 70 -7.55 2.69 19.76
N PRO A 71 -8.46 2.33 18.83
CA PRO A 71 -8.58 2.78 17.45
C PRO A 71 -9.66 3.84 17.21
N TYR A 72 -10.00 4.61 18.24
CA TYR A 72 -10.98 5.67 18.06
C TYR A 72 -10.40 6.91 17.40
N SER A 73 -9.07 7.04 17.38
CA SER A 73 -8.34 8.09 16.68
C SER A 73 -7.24 7.45 15.85
N PRO A 74 -6.85 8.08 14.75
CA PRO A 74 -5.89 7.45 13.82
C PRO A 74 -4.46 7.57 14.30
N PRO A 75 -3.60 6.65 13.87
CA PRO A 75 -2.17 6.80 14.07
C PRO A 75 -1.56 7.73 13.02
N THR A 76 -0.29 8.03 13.21
CA THR A 76 0.52 8.63 12.16
C THR A 76 1.40 7.56 11.53
N PHE A 77 1.72 7.75 10.24
CA PHE A 77 2.56 6.83 9.49
C PHE A 77 3.61 7.67 8.78
N ARG A 78 4.88 7.56 9.22
CA ARG A 78 5.93 8.47 8.78
C ARG A 78 7.18 7.69 8.38
N PHE A 79 7.65 7.93 7.15
CA PHE A 79 8.95 7.39 6.75
C PHE A 79 10.07 8.11 7.49
N LEU A 80 11.03 7.37 8.04
CA LEU A 80 12.07 8.00 8.84
C LEU A 80 13.10 8.70 7.97
N THR A 81 13.71 7.95 7.07
CA THR A 81 14.48 8.54 5.97
C THR A 81 13.49 8.89 4.87
N LYS A 82 13.63 10.07 4.31
CA LYS A 82 12.57 10.61 3.48
C LYS A 82 12.51 9.93 2.11
N MET A 83 11.29 9.86 1.55
CA MET A 83 11.00 9.28 0.24
C MET A 83 10.50 10.37 -0.70
N TRP A 84 11.20 10.57 -1.81
CA TRP A 84 10.82 11.59 -2.80
C TRP A 84 9.69 11.06 -3.67
N HIS A 85 8.48 11.56 -3.44
CA HIS A 85 7.29 10.95 -4.04
C HIS A 85 6.17 11.98 -4.03
N PRO A 86 5.37 12.08 -5.09
CA PRO A 86 4.31 13.09 -5.09
C PRO A 86 3.34 12.97 -3.92
N ASN A 87 3.14 11.77 -3.37
CA ASN A 87 2.11 11.52 -2.37
C ASN A 87 2.65 11.45 -0.96
N ILE A 88 3.93 11.75 -0.76
CA ILE A 88 4.53 11.70 0.58
C ILE A 88 5.03 13.08 0.93
N TYR A 89 4.57 13.60 2.07
CA TYR A 89 5.04 14.91 2.50
C TYR A 89 6.54 14.87 2.75
N GLU A 90 7.16 16.05 2.67
CA GLU A 90 8.61 16.10 2.86
C GLU A 90 9.03 15.77 4.28
N ASN A 91 8.11 15.85 5.26
CA ASN A 91 8.44 15.40 6.61
C ASN A 91 8.32 13.90 6.79
N GLY A 92 8.00 13.17 5.74
CA GLY A 92 7.86 11.72 5.81
C GLY A 92 6.43 11.22 5.97
N ASP A 93 5.47 12.10 6.27
CA ASP A 93 4.09 11.62 6.45
C ASP A 93 3.49 11.23 5.12
N VAL A 94 2.72 10.17 5.10
CA VAL A 94 1.99 9.79 3.88
C VAL A 94 0.68 10.55 3.83
N LYS A 95 0.25 10.94 2.63
CA LYS A 95 -0.95 11.75 2.46
C LYS A 95 -2.12 10.83 2.10
N ILE A 96 -2.86 10.39 3.14
CA ILE A 96 -3.99 9.47 2.98
C ILE A 96 -5.15 9.99 3.82
N SER A 97 -6.35 10.03 3.23
CA SER A 97 -7.50 10.61 3.93
C SER A 97 -7.87 9.83 5.18
N ILE A 98 -7.64 8.51 5.17
CA ILE A 98 -8.07 7.71 6.31
C ILE A 98 -7.29 8.02 7.58
N LEU A 99 -6.16 8.72 7.51
CA LEU A 99 -5.40 9.00 8.72
C LEU A 99 -5.90 10.26 9.43
N HIS A 100 -7.14 10.65 9.17
CA HIS A 100 -7.77 11.82 9.78
C HIS A 100 -9.21 11.47 10.13
N PRO A 101 -9.76 12.07 11.18
CA PRO A 101 -11.13 11.74 11.59
C PRO A 101 -12.15 12.22 10.57
N PRO A 102 -13.36 11.66 10.58
CA PRO A 102 -14.41 12.15 9.68
C PRO A 102 -14.73 13.61 9.98
N VAL A 103 -15.29 14.29 8.97
CA VAL A 103 -15.62 15.71 9.10
C VAL A 103 -17.09 15.95 9.39
N ASP A 104 -17.92 14.92 9.37
CA ASP A 104 -19.36 15.02 9.65
C ASP A 104 -20.00 16.18 8.88
N ASP A 105 -19.76 16.19 7.56
CA ASP A 105 -20.32 17.20 6.67
C ASP A 105 -21.02 16.48 5.53
N PRO A 106 -22.35 16.40 5.55
CA PRO A 106 -23.06 15.72 4.46
C PRO A 106 -22.86 16.35 3.09
N GLN A 107 -22.35 17.59 3.04
CA GLN A 107 -22.07 18.25 1.77
C GLN A 107 -20.71 17.86 1.20
N SER A 108 -19.82 17.30 2.02
CA SER A 108 -18.48 16.96 1.56
C SER A 108 -18.47 15.75 0.64
N GLY A 109 -19.49 14.89 0.72
CA GLY A 109 -19.52 13.70 -0.11
C GLY A 109 -18.54 12.62 0.29
N GLU A 110 -17.98 12.70 1.49
CA GLU A 110 -17.02 11.70 1.93
C GLU A 110 -17.73 10.47 2.48
N LEU A 111 -17.15 9.29 2.20
CA LEU A 111 -17.67 8.01 2.68
C LEU A 111 -17.01 7.64 4.00
N PRO A 112 -17.68 6.83 4.82
CA PRO A 112 -17.05 6.36 6.06
C PRO A 112 -15.73 5.63 5.83
N SER A 113 -15.63 4.84 4.75
CA SER A 113 -14.40 4.10 4.49
C SER A 113 -13.20 4.99 4.18
N GLU A 114 -13.42 6.28 3.88
CA GLU A 114 -12.37 7.21 3.50
C GLU A 114 -11.81 8.01 4.67
N ARG A 115 -12.41 7.92 5.84
CA ARG A 115 -11.91 8.60 7.03
C ARG A 115 -11.75 7.59 8.14
N TRP A 116 -11.02 7.99 9.18
CA TRP A 116 -10.78 7.07 10.26
C TRP A 116 -12.08 6.72 10.97
N ASN A 117 -12.18 5.47 11.42
CA ASN A 117 -13.23 5.01 12.30
C ASN A 117 -12.73 3.77 13.02
N PRO A 118 -13.41 3.33 14.09
CA PRO A 118 -12.83 2.26 14.93
C PRO A 118 -12.77 0.90 14.27
N THR A 119 -13.36 0.74 13.08
CA THR A 119 -13.20 -0.51 12.34
C THR A 119 -12.01 -0.50 11.39
N GLN A 120 -11.39 0.67 11.18
CA GLN A 120 -10.17 0.72 10.38
C GLN A 120 -9.02 0.11 11.17
N ASN A 121 -7.97 -0.28 10.47
CA ASN A 121 -6.89 -0.99 11.15
C ASN A 121 -5.58 -0.81 10.40
N VAL A 122 -4.51 -1.35 10.98
CA VAL A 122 -3.20 -1.17 10.38
C VAL A 122 -3.10 -1.90 9.05
N ARG A 123 -3.70 -3.10 8.92
CA ARG A 123 -3.64 -3.81 7.64
C ARG A 123 -4.21 -2.95 6.52
N THR A 124 -5.31 -2.26 6.79
CA THR A 124 -5.90 -1.37 5.79
C THR A 124 -4.97 -0.19 5.50
N ILE A 125 -4.32 0.36 6.53
CA ILE A 125 -3.33 1.42 6.30
C ILE A 125 -2.22 0.93 5.38
N LEU A 126 -1.68 -0.27 5.65
CA LEU A 126 -0.57 -0.76 4.82
C LEU A 126 -0.99 -0.94 3.37
N LEU A 127 -2.16 -1.54 3.14
CA LEU A 127 -2.63 -1.71 1.76
C LEU A 127 -2.88 -0.36 1.10
N SER A 128 -3.37 0.62 1.87
CA SER A 128 -3.53 1.98 1.35
C SER A 128 -2.20 2.60 0.98
N VAL A 129 -1.17 2.34 1.79
CA VAL A 129 0.16 2.86 1.48
C VAL A 129 0.69 2.24 0.18
N ILE A 130 0.46 0.95 -0.04
CA ILE A 130 0.84 0.34 -1.33
C ILE A 130 0.18 1.07 -2.48
N SER A 131 -1.13 1.34 -2.35
CA SER A 131 -1.85 2.06 -3.40
C SER A 131 -1.27 3.46 -3.61
N LEU A 132 -1.01 4.17 -2.51
CA LEU A 132 -0.46 5.52 -2.59
C LEU A 132 0.90 5.53 -3.27
N LEU A 133 1.74 4.52 -2.97
CA LEU A 133 3.05 4.46 -3.61
C LEU A 133 2.93 4.18 -5.10
N ASN A 134 1.95 3.36 -5.49
CA ASN A 134 1.75 3.04 -6.89
C ASN A 134 1.22 4.19 -7.73
N GLU A 135 0.43 5.09 -7.13
CA GLU A 135 -0.46 5.96 -7.90
C GLU A 135 -0.38 7.41 -7.44
N PRO A 136 0.60 8.17 -7.94
CA PRO A 136 0.67 9.61 -7.61
C PRO A 136 -0.60 10.35 -7.94
N ASN A 137 -0.97 11.27 -7.05
CA ASN A 137 -2.06 12.20 -7.27
C ASN A 137 -1.42 13.56 -7.55
N THR A 138 -1.31 13.91 -8.84
CA THR A 138 -0.69 15.18 -9.20
C THR A 138 -1.64 16.36 -9.09
N PHE A 139 -2.95 16.13 -9.00
CA PHE A 139 -3.87 17.24 -8.79
C PHE A 139 -3.79 17.76 -7.36
N SER A 140 -3.63 16.85 -6.39
N SER A 140 -3.65 16.85 -6.40
CA SER A 140 -3.53 17.19 -4.98
CA SER A 140 -3.53 17.19 -4.98
C SER A 140 -2.29 16.52 -4.39
C SER A 140 -2.30 16.51 -4.40
N PRO A 141 -1.10 16.99 -4.75
CA PRO A 141 0.13 16.35 -4.26
C PRO A 141 0.48 16.75 -2.83
N ALA A 142 1.18 15.84 -2.18
CA ALA A 142 1.81 16.12 -0.88
C ALA A 142 3.11 16.88 -1.05
N ASN A 143 3.86 16.56 -2.10
CA ASN A 143 5.16 17.15 -2.40
C ASN A 143 5.06 17.71 -3.82
N VAL A 144 4.90 19.03 -3.93
CA VAL A 144 4.67 19.66 -5.23
C VAL A 144 5.88 19.45 -6.14
N ASP A 145 7.09 19.67 -5.62
CA ASP A 145 8.28 19.54 -6.47
C ASP A 145 8.44 18.11 -6.97
N ALA A 146 8.15 17.10 -6.14
CA ALA A 146 8.23 15.73 -6.63
C ALA A 146 7.13 15.47 -7.66
N SER A 147 5.96 16.06 -7.46
CA SER A 147 4.85 15.89 -8.40
C SER A 147 5.19 16.49 -9.76
N VAL A 148 5.74 17.70 -9.76
CA VAL A 148 6.16 18.33 -11.02
C VAL A 148 7.21 17.49 -11.72
N MET A 149 8.18 16.96 -10.96
CA MET A 149 9.23 16.14 -11.54
C MET A 149 8.67 14.83 -12.08
N PHE A 150 7.77 14.19 -11.32
CA PHE A 150 7.13 12.97 -11.79
C PHE A 150 6.38 13.20 -13.09
N ARG A 151 5.64 14.32 -13.18
CA ARG A 151 4.90 14.60 -14.41
C ARG A 151 5.83 14.76 -15.60
N LYS A 152 6.96 15.45 -15.42
CA LYS A 152 7.91 15.62 -16.52
C LYS A 152 8.50 14.28 -16.94
N TRP A 153 8.78 13.42 -15.98
CA TRP A 153 9.28 12.08 -16.27
C TRP A 153 8.27 11.27 -17.06
N ARG A 154 7.01 11.28 -16.62
CA ARG A 154 5.95 10.57 -17.30
C ARG A 154 5.70 11.12 -18.71
N ASP A 155 5.66 12.46 -18.85
CA ASP A 155 5.39 13.06 -20.15
C ASP A 155 6.51 12.83 -21.15
N SER A 156 7.75 12.80 -20.69
CA SER A 156 8.89 12.61 -21.58
C SER A 156 9.15 11.13 -21.89
N LYS A 157 8.30 10.23 -21.40
CA LYS A 157 8.50 8.79 -21.58
C LYS A 157 9.87 8.36 -21.06
N GLY A 158 10.26 8.92 -19.91
CA GLY A 158 11.52 8.56 -19.27
C GLY A 158 12.75 9.22 -19.84
N LYS A 159 12.61 10.07 -20.85
CA LYS A 159 13.80 10.70 -21.45
C LYS A 159 14.41 11.70 -20.50
N ASP A 160 13.59 12.45 -19.77
CA ASP A 160 14.04 13.25 -18.64
C ASP A 160 14.16 12.31 -17.45
N LYS A 161 15.38 11.87 -17.17
CA LYS A 161 15.61 10.73 -16.27
C LYS A 161 15.64 11.11 -14.80
N GLU A 162 15.48 12.40 -14.46
CA GLU A 162 15.77 12.86 -13.11
C GLU A 162 14.97 12.09 -12.06
N TYR A 163 13.66 11.93 -12.27
CA TYR A 163 12.84 11.26 -11.26
C TYR A 163 13.34 9.84 -11.01
N ALA A 164 13.64 9.09 -12.07
CA ALA A 164 14.12 7.73 -11.90
C ALA A 164 15.50 7.70 -11.27
N GLU A 165 16.35 8.68 -11.59
CA GLU A 165 17.66 8.78 -10.95
C GLU A 165 17.52 8.97 -9.44
N ILE A 166 16.56 9.79 -9.01
CA ILE A 166 16.35 9.95 -7.57
C ILE A 166 15.85 8.65 -6.95
N ILE A 167 14.91 7.95 -7.60
CA ILE A 167 14.48 6.67 -7.05
C ILE A 167 15.67 5.73 -6.91
N ARG A 168 16.53 5.67 -7.93
CA ARG A 168 17.68 4.77 -7.88
C ARG A 168 18.61 5.15 -6.74
N LYS A 169 18.83 6.46 -6.54
CA LYS A 169 19.69 6.91 -5.46
C LYS A 169 19.11 6.58 -4.09
N GLN A 170 17.79 6.75 -3.92
CA GLN A 170 17.19 6.47 -2.62
C GLN A 170 17.13 4.97 -2.35
N VAL A 171 16.94 4.14 -3.39
CA VAL A 171 17.06 2.70 -3.21
C VAL A 171 18.47 2.32 -2.78
N SER A 172 19.47 2.87 -3.46
N SER A 172 19.48 2.86 -3.47
CA SER A 172 20.86 2.53 -3.16
CA SER A 172 20.86 2.52 -3.15
C SER A 172 21.25 2.93 -1.75
C SER A 172 21.23 2.91 -1.74
N ALA A 173 20.67 4.03 -1.24
CA ALA A 173 21.00 4.51 0.09
C ALA A 173 20.52 3.56 1.18
N THR A 174 19.57 2.67 0.88
CA THR A 174 19.09 1.73 1.87
C THR A 174 19.98 0.50 2.03
N LYS A 175 20.98 0.32 1.17
CA LYS A 175 21.76 -0.91 1.23
C LYS A 175 22.51 -1.03 2.55
N ALA A 176 23.06 0.08 3.05
CA ALA A 176 23.79 0.02 4.31
C ALA A 176 22.89 -0.41 5.46
N GLU A 177 21.64 0.07 5.48
CA GLU A 177 20.72 -0.30 6.55
C GLU A 177 20.31 -1.76 6.45
N ALA A 178 20.09 -2.26 5.22
CA ALA A 178 19.79 -3.67 5.04
C ALA A 178 20.93 -4.55 5.52
N GLU A 179 22.17 -4.19 5.18
CA GLU A 179 23.32 -4.98 5.59
C GLU A 179 23.47 -4.98 7.11
N LYS A 180 23.19 -3.85 7.75
CA LYS A 180 23.26 -3.77 9.21
C LYS A 180 22.23 -4.70 9.86
N ASP A 181 21.00 -4.73 9.33
CA ASP A 181 19.96 -5.58 9.86
C ASP A 181 20.10 -7.04 9.40
N GLY A 182 21.11 -7.36 8.62
CA GLY A 182 21.26 -8.71 8.12
C GLY A 182 20.10 -9.16 7.25
N VAL A 183 19.48 -8.24 6.50
CA VAL A 183 18.33 -8.54 5.69
C VAL A 183 18.77 -8.69 4.24
N LYS A 184 18.30 -9.75 3.58
CA LYS A 184 18.44 -9.93 2.14
C LYS A 184 17.12 -9.51 1.50
N VAL A 185 17.16 -8.41 0.75
CA VAL A 185 15.93 -7.93 0.10
C VAL A 185 15.53 -8.88 -1.01
N PRO A 186 14.26 -9.27 -1.11
CA PRO A 186 13.82 -10.12 -2.22
C PRO A 186 13.95 -9.40 -3.55
N THR A 187 14.28 -10.17 -4.59
CA THR A 187 14.37 -9.64 -5.93
C THR A 187 13.48 -10.36 -6.94
N THR A 188 12.82 -11.45 -6.54
CA THR A 188 11.91 -12.18 -7.40
C THR A 188 10.53 -12.24 -6.75
N LEU A 189 9.52 -12.48 -7.60
CA LEU A 189 8.16 -12.63 -7.11
C LEU A 189 8.07 -13.72 -6.05
N ALA A 190 8.71 -14.88 -6.30
CA ALA A 190 8.68 -15.96 -5.33
C ALA A 190 9.26 -15.54 -3.99
N GLU A 191 10.37 -14.78 -4.00
CA GLU A 191 11.00 -14.37 -2.75
C GLU A 191 10.16 -13.34 -2.01
N TYR A 192 9.49 -12.46 -2.76
CA TYR A 192 8.71 -11.38 -2.15
C TYR A 192 7.46 -11.92 -1.48
N CYS A 193 6.87 -12.98 -2.03
CA CYS A 193 5.60 -13.51 -1.55
C CYS A 193 5.77 -14.60 -0.51
N ILE A 194 7.01 -14.88 -0.07
CA ILE A 194 7.25 -15.87 0.96
C ILE A 194 6.68 -15.39 2.30
N SER B 19 -6.19 -22.89 -19.76
CA SER B 19 -5.84 -21.55 -19.31
C SER B 19 -6.76 -21.08 -18.19
N HIS B 20 -7.70 -21.94 -17.78
CA HIS B 20 -8.63 -21.56 -16.73
C HIS B 20 -7.99 -21.74 -15.37
N MET B 21 -8.27 -20.82 -14.44
CA MET B 21 -7.78 -20.96 -13.09
C MET B 21 -8.71 -20.26 -12.10
N GLN B 22 -8.52 -20.59 -10.83
CA GLN B 22 -9.14 -19.88 -9.72
C GLN B 22 -8.14 -18.92 -9.10
N ILE B 23 -8.60 -17.72 -8.76
CA ILE B 23 -7.79 -16.79 -7.98
C ILE B 23 -8.62 -16.29 -6.82
N PHE B 24 -7.95 -15.74 -5.82
CA PHE B 24 -8.60 -15.25 -4.62
C PHE B 24 -8.41 -13.75 -4.53
N VAL B 25 -9.49 -13.04 -4.20
CA VAL B 25 -9.43 -11.59 -4.05
C VAL B 25 -9.84 -11.27 -2.62
N LYS B 26 -8.89 -10.75 -1.83
CA LYS B 26 -9.16 -10.37 -0.45
C LYS B 26 -9.72 -8.96 -0.40
N THR B 27 -10.80 -8.76 0.36
CA THR B 27 -11.39 -7.44 0.49
C THR B 27 -10.99 -6.80 1.81
N LEU B 28 -11.18 -5.48 1.89
CA LEU B 28 -10.87 -4.76 3.13
C LEU B 28 -11.83 -5.12 4.27
N THR B 29 -12.98 -5.71 3.97
CA THR B 29 -13.91 -6.15 5.01
C THR B 29 -13.57 -7.53 5.57
N GLY B 30 -12.51 -8.17 5.09
CA GLY B 30 -12.10 -9.46 5.62
C GLY B 30 -12.69 -10.66 4.91
N LYS B 31 -13.32 -10.48 3.75
CA LYS B 31 -13.88 -11.57 2.97
C LYS B 31 -12.91 -11.96 1.85
N THR B 32 -13.05 -13.20 1.39
CA THR B 32 -12.33 -13.66 0.21
C THR B 32 -13.32 -13.95 -0.90
N ILE B 33 -13.09 -13.36 -2.05
CA ILE B 33 -13.88 -13.64 -3.25
C ILE B 33 -13.09 -14.65 -4.06
N THR B 34 -13.70 -15.78 -4.38
CA THR B 34 -13.06 -16.77 -5.25
C THR B 34 -13.56 -16.55 -6.66
N LEU B 35 -12.65 -16.24 -7.58
CA LEU B 35 -13.03 -15.93 -8.95
C LEU B 35 -12.55 -17.00 -9.91
N GLU B 36 -13.43 -17.34 -10.85
CA GLU B 36 -13.07 -18.20 -11.99
C GLU B 36 -12.63 -17.30 -13.14
N VAL B 37 -11.38 -17.45 -13.57
CA VAL B 37 -10.80 -16.58 -14.58
C VAL B 37 -10.01 -17.44 -15.59
N GLU B 38 -9.58 -16.78 -16.65
CA GLU B 38 -8.61 -17.30 -17.60
C GLU B 38 -7.32 -16.50 -17.45
N SER B 39 -6.18 -17.13 -17.70
CA SER B 39 -4.93 -16.40 -17.62
C SER B 39 -4.84 -15.28 -18.65
N SER B 40 -5.59 -15.38 -19.74
CA SER B 40 -5.62 -14.34 -20.76
C SER B 40 -6.61 -13.22 -20.44
N ASP B 41 -7.36 -13.31 -19.35
CA ASP B 41 -8.30 -12.27 -19.00
C ASP B 41 -7.57 -10.98 -18.69
N THR B 42 -8.15 -9.87 -19.14
CA THR B 42 -7.60 -8.58 -18.78
C THR B 42 -8.02 -8.19 -17.37
N ILE B 43 -7.31 -7.22 -16.81
CA ILE B 43 -7.70 -6.67 -15.51
C ILE B 43 -9.11 -6.08 -15.61
N ASP B 44 -9.43 -5.46 -16.76
CA ASP B 44 -10.79 -4.96 -17.00
C ASP B 44 -11.82 -6.05 -16.80
N ASN B 45 -11.58 -7.23 -17.37
N ASN B 45 -11.56 -7.23 -17.36
CA ASN B 45 -12.52 -8.34 -17.22
CA ASN B 45 -12.48 -8.35 -17.24
C ASN B 45 -12.68 -8.72 -15.76
C ASN B 45 -12.66 -8.78 -15.78
N VAL B 46 -11.56 -8.80 -15.02
CA VAL B 46 -11.63 -9.18 -13.61
C VAL B 46 -12.44 -8.15 -12.83
N LYS B 47 -12.21 -6.86 -13.09
CA LYS B 47 -12.96 -5.81 -12.40
C LYS B 47 -14.45 -5.88 -12.71
N SER B 48 -14.81 -6.26 -13.94
CA SER B 48 -16.22 -6.41 -14.28
CA SER B 48 -16.22 -6.42 -14.28
C SER B 48 -16.87 -7.50 -13.44
N LYS B 49 -16.15 -8.61 -13.23
CA LYS B 49 -16.66 -9.70 -12.39
C LYS B 49 -16.83 -9.24 -10.95
N ILE B 50 -15.89 -8.45 -10.45
CA ILE B 50 -15.99 -7.94 -9.09
C ILE B 50 -17.18 -6.99 -8.96
N GLN B 51 -17.46 -6.19 -10.01
CA GLN B 51 -18.64 -5.35 -9.96
C GLN B 51 -19.92 -6.18 -9.91
N ASP B 52 -19.98 -7.26 -10.70
CA ASP B 52 -21.15 -8.12 -10.69
C ASP B 52 -21.38 -8.76 -9.33
N LYS B 53 -20.30 -9.06 -8.60
CA LYS B 53 -20.42 -9.75 -7.33
C LYS B 53 -20.57 -8.79 -6.16
N GLU B 54 -19.89 -7.65 -6.21
CA GLU B 54 -19.81 -6.73 -5.08
C GLU B 54 -20.45 -5.37 -5.32
N GLY B 55 -20.74 -5.00 -6.56
CA GLY B 55 -21.35 -3.72 -6.84
C GLY B 55 -20.40 -2.54 -6.94
N ILE B 56 -19.10 -2.77 -6.90
CA ILE B 56 -18.11 -1.69 -6.88
C ILE B 56 -17.81 -1.28 -8.31
N PRO B 57 -17.96 -0.01 -8.69
CA PRO B 57 -17.66 0.39 -10.06
C PRO B 57 -16.22 0.10 -10.41
N PRO B 58 -15.95 -0.40 -11.62
CA PRO B 58 -14.59 -0.80 -11.97
C PRO B 58 -13.57 0.32 -11.84
N ASP B 59 -13.93 1.55 -12.20
CA ASP B 59 -12.93 2.61 -12.11
C ASP B 59 -12.59 2.99 -10.68
N GLN B 60 -13.36 2.53 -9.68
CA GLN B 60 -13.01 2.74 -8.28
C GLN B 60 -12.19 1.61 -7.70
N GLN B 61 -12.18 0.44 -8.35
CA GLN B 61 -11.42 -0.70 -7.86
C GLN B 61 -9.94 -0.55 -8.13
N ARG B 62 -9.13 -1.01 -7.18
CA ARG B 62 -7.70 -1.17 -7.38
C ARG B 62 -7.34 -2.57 -6.93
N LEU B 63 -6.65 -3.30 -7.79
CA LEU B 63 -6.20 -4.66 -7.51
C LEU B 63 -4.69 -4.66 -7.32
N ILE B 64 -4.23 -5.27 -6.24
CA ILE B 64 -2.82 -5.28 -5.87
C ILE B 64 -2.34 -6.73 -5.87
N PHE B 65 -1.20 -6.97 -6.52
CA PHE B 65 -0.55 -8.27 -6.53
C PHE B 65 0.94 -8.05 -6.35
N ALA B 66 1.51 -8.64 -5.29
CA ALA B 66 2.94 -8.53 -4.99
C ALA B 66 3.42 -7.07 -5.04
N GLY B 67 2.68 -6.22 -4.36
CA GLY B 67 3.07 -4.83 -4.23
C GLY B 67 2.75 -3.93 -5.40
N LYS B 68 2.19 -4.48 -6.49
CA LYS B 68 1.91 -3.67 -7.68
C LYS B 68 0.41 -3.56 -7.92
N GLN B 69 -0.05 -2.35 -8.23
CA GLN B 69 -1.42 -2.15 -8.70
C GLN B 69 -1.52 -2.52 -10.16
N LEU B 70 -2.51 -3.34 -10.49
CA LEU B 70 -2.65 -3.92 -11.82
C LEU B 70 -3.38 -2.98 -12.76
N GLU B 71 -2.84 -2.86 -13.99
CA GLU B 71 -3.36 -1.90 -14.95
C GLU B 71 -4.44 -2.53 -15.85
N ASP B 72 -5.49 -1.75 -16.11
CA ASP B 72 -6.73 -2.24 -16.72
C ASP B 72 -6.49 -3.08 -17.97
N GLY B 73 -5.70 -2.56 -18.92
CA GLY B 73 -5.58 -3.18 -20.23
C GLY B 73 -4.64 -4.38 -20.31
N ARG B 74 -3.90 -4.67 -19.25
CA ARG B 74 -3.01 -5.81 -19.22
C ARG B 74 -3.77 -7.07 -18.80
N THR B 75 -3.14 -8.21 -18.98
CA THR B 75 -3.72 -9.50 -18.64
C THR B 75 -3.11 -10.04 -17.35
N LEU B 76 -3.80 -11.02 -16.77
CA LEU B 76 -3.26 -11.70 -15.59
C LEU B 76 -1.90 -12.32 -15.88
N SER B 77 -1.75 -12.95 -17.05
CA SER B 77 -0.46 -13.56 -17.38
C SER B 77 0.64 -12.52 -17.52
N ASP B 78 0.31 -11.29 -17.92
CA ASP B 78 1.32 -10.24 -17.98
C ASP B 78 1.99 -10.01 -16.64
N TYR B 79 1.26 -10.26 -15.55
CA TYR B 79 1.77 -10.06 -14.20
C TYR B 79 2.26 -11.35 -13.57
N ASN B 80 2.29 -12.45 -14.33
CA ASN B 80 2.64 -13.76 -13.83
C ASN B 80 1.75 -14.18 -12.66
N ILE B 81 0.46 -13.90 -12.80
CA ILE B 81 -0.53 -14.33 -11.82
C ILE B 81 -1.00 -15.72 -12.23
N GLN B 82 -0.72 -16.71 -11.39
CA GLN B 82 -0.96 -18.11 -11.68
C GLN B 82 -2.08 -18.66 -10.82
N LYS B 83 -2.38 -19.95 -11.00
CA LYS B 83 -3.50 -20.56 -10.29
C LYS B 83 -3.34 -20.38 -8.79
N GLU B 84 -4.46 -20.08 -8.13
CA GLU B 84 -4.55 -19.95 -6.67
C GLU B 84 -3.80 -18.74 -6.14
N SER B 85 -3.41 -17.80 -7.01
CA SER B 85 -2.86 -16.54 -6.55
C SER B 85 -3.88 -15.76 -5.73
N THR B 86 -3.37 -14.93 -4.82
CA THR B 86 -4.20 -14.03 -4.03
C THR B 86 -3.91 -12.58 -4.44
N LEU B 87 -4.99 -11.85 -4.76
CA LEU B 87 -4.94 -10.42 -5.03
C LEU B 87 -5.62 -9.69 -3.87
N HIS B 88 -5.29 -8.42 -3.71
CA HIS B 88 -5.93 -7.58 -2.70
C HIS B 88 -6.71 -6.47 -3.40
N LEU B 89 -7.97 -6.34 -3.04
CA LEU B 89 -8.84 -5.31 -3.58
C LEU B 89 -8.91 -4.14 -2.60
N VAL B 90 -8.60 -2.94 -3.10
CA VAL B 90 -8.80 -1.71 -2.35
C VAL B 90 -9.58 -0.75 -3.24
N LEU B 91 -10.04 0.36 -2.64
CA LEU B 91 -10.68 1.40 -3.43
C LEU B 91 -9.70 2.54 -3.68
N ARG B 92 -9.83 3.17 -4.85
CA ARG B 92 -8.92 4.25 -5.19
C ARG B 92 -8.95 5.31 -4.11
N LEU B 93 -7.77 5.82 -3.77
CA LEU B 93 -7.68 6.81 -2.72
C LEU B 93 -8.16 8.15 -3.24
N ARG B 94 -8.96 8.85 -2.44
CA ARG B 94 -9.58 10.09 -2.89
C ARG B 94 -9.06 11.28 -2.10
N GLY B 95 -8.99 12.43 -2.77
CA GLY B 95 -8.71 13.69 -2.12
C GLY B 95 -7.26 14.09 -2.06
N GLY B 96 -6.34 13.14 -2.20
CA GLY B 96 -4.91 13.44 -2.12
C GLY B 96 -4.54 14.22 -0.87
#